data_3REG
#
_entry.id   3REG
#
_cell.length_a   36.468
_cell.length_b   39.497
_cell.length_c   63.578
_cell.angle_alpha   81.75
_cell.angle_beta   80.76
_cell.angle_gamma   65.44
#
_symmetry.space_group_name_H-M   'P 1'
#
loop_
_entity.id
_entity.type
_entity.pdbx_description
1 polymer 'Rho-like small GTPase'
2 non-polymer "5'-GUANOSINE-DIPHOSPHATE-MONOTHIOPHOSPHATE"
3 non-polymer 'MAGNESIUM ION'
4 water water
#
_entity_poly.entity_id   1
_entity_poly.type   'polypeptide(L)'
_entity_poly.pdbx_seq_one_letter_code
;SNAMLAFSDMNTGAGKIENGKKALKIVVVGDGAVGKTCLLLAFSKGEIPTAYVPTVFENFSHVMKYKNEEFILHLWDTAG
QEEYDRLRPLSYADSDVVLLCFAVNNRTSFDNISTKWEPEIKHYIDTAKTVLVGLKVDLRKDGSDDVTKQEGDDLCQKLG
CVAYIEASSVAKIGLNEVFEKSVDCIFSNKPVPK
;
_entity_poly.pdbx_strand_id   A,B
#
loop_
_chem_comp.id
_chem_comp.type
_chem_comp.name
_chem_comp.formula
GSP non-polymer 5'-GUANOSINE-DIPHOSPHATE-MONOTHIOPHOSPHATE 'C10 H16 N5 O13 P3 S'
MG non-polymer 'MAGNESIUM ION' 'Mg 2'
#
# COMPACT_ATOMS: atom_id res chain seq x y z
N LYS A 21 -18.57 20.38 14.12
CA LYS A 21 -17.48 19.75 13.37
C LYS A 21 -16.77 18.71 14.22
N LYS A 22 -16.63 17.51 13.68
CA LYS A 22 -15.90 16.50 14.41
C LYS A 22 -14.42 16.80 14.19
N ALA A 23 -13.73 17.06 15.28
CA ALA A 23 -12.32 17.43 15.21
C ALA A 23 -11.54 16.48 16.08
N LEU A 24 -10.26 16.33 15.78
CA LEU A 24 -9.40 15.56 16.66
C LEU A 24 -7.97 16.04 16.55
N LYS A 25 -7.22 15.83 17.63
CA LYS A 25 -5.80 16.14 17.67
C LYS A 25 -5.05 14.84 17.45
N ILE A 26 -4.21 14.83 16.41
CA ILE A 26 -3.39 13.68 16.11
C ILE A 26 -1.94 14.16 16.24
N VAL A 27 -1.15 13.45 17.06
CA VAL A 27 0.28 13.78 17.22
C VAL A 27 1.13 12.69 16.57
N VAL A 28 2.25 13.08 15.96
CA VAL A 28 3.12 12.12 15.32
C VAL A 28 4.43 12.09 16.09
N VAL A 29 4.89 10.91 16.49
CA VAL A 29 6.15 10.77 17.20
C VAL A 29 6.99 9.66 16.59
N GLY A 30 8.29 9.65 16.87
CA GLY A 30 9.16 8.61 16.33
C GLY A 30 10.57 9.13 16.11
N ASP A 31 11.53 8.23 15.90
CA ASP A 31 12.94 8.64 15.76
C ASP A 31 13.16 9.75 14.73
N GLY A 32 14.29 10.45 14.86
CA GLY A 32 14.69 11.39 13.84
C GLY A 32 14.68 10.77 12.45
N ALA A 33 14.17 11.52 11.48
CA ALA A 33 14.25 11.14 10.07
C ALA A 33 13.43 9.91 9.63
N VAL A 34 12.41 9.51 10.41
CA VAL A 34 11.64 8.34 9.99
C VAL A 34 10.61 8.68 8.91
N GLY A 35 10.28 9.97 8.78
CA GLY A 35 9.37 10.43 7.74
C GLY A 35 8.09 11.08 8.26
N LYS A 36 8.10 11.51 9.53
CA LYS A 36 6.92 12.12 10.20
C LYS A 36 6.44 13.38 9.48
N THR A 37 7.34 14.34 9.28
CA THR A 37 6.96 15.56 8.57
C THR A 37 6.45 15.28 7.15
N CYS A 38 7.16 14.44 6.39
CA CYS A 38 6.72 14.10 5.04
C CYS A 38 5.33 13.44 5.03
N LEU A 39 5.04 12.62 6.04
CA LEU A 39 3.70 12.01 6.17
C LEU A 39 2.59 13.07 6.24
N LEU A 40 2.76 14.04 7.13
CA LEU A 40 1.74 15.06 7.38
C LEU A 40 1.56 15.94 6.16
N LEU A 41 2.68 16.31 5.54
CA LEU A 41 2.64 17.17 4.38
C LEU A 41 2.15 16.45 3.11
N ALA A 42 2.61 15.23 2.88
CA ALA A 42 2.15 14.50 1.73
C ALA A 42 0.64 14.22 1.88
N PHE A 43 0.19 14.01 3.11
CA PHE A 43 -1.23 13.75 3.34
C PHE A 43 -2.06 15.01 3.09
N SER A 44 -1.66 16.10 3.73
CA SER A 44 -2.52 17.27 3.80
C SER A 44 -2.36 18.17 2.57
N LYS A 45 -1.17 18.16 1.96
CA LYS A 45 -0.86 19.04 0.81
C LYS A 45 -0.62 18.31 -0.50
N GLY A 46 -0.39 17.00 -0.43
CA GLY A 46 -0.20 16.21 -1.62
C GLY A 46 1.19 16.32 -2.20
N GLU A 47 2.11 16.87 -1.41
CA GLU A 47 3.51 16.95 -1.84
C GLU A 47 4.43 17.12 -0.63
N ILE A 48 5.66 16.67 -0.76
CA ILE A 48 6.62 16.79 0.33
C ILE A 48 7.71 17.82 0.05
N PRO A 49 8.36 18.31 1.11
CA PRO A 49 9.48 19.27 1.09
C PRO A 49 10.65 18.80 0.25
N THR A 50 11.22 19.73 -0.52
CA THR A 50 12.34 19.41 -1.38
C THR A 50 13.60 19.24 -0.54
N ALA A 51 13.68 19.99 0.54
CA ALA A 51 14.82 19.92 1.43
C ALA A 51 14.38 19.39 2.79
N TYR A 52 15.21 18.52 3.36
CA TYR A 52 14.89 17.94 4.66
C TYR A 52 15.31 18.89 5.79
N VAL A 53 14.33 19.36 6.55
CA VAL A 53 14.62 20.17 7.72
C VAL A 53 14.05 19.51 8.96
N PRO A 54 14.92 19.14 9.91
CA PRO A 54 14.50 18.53 11.17
C PRO A 54 13.53 19.43 11.95
N THR A 55 12.50 18.82 12.51
CA THR A 55 11.42 19.54 13.16
C THR A 55 11.75 19.84 14.62
N VAL A 56 11.35 21.02 15.09
CA VAL A 56 11.36 21.32 16.51
C VAL A 56 9.94 21.02 17.00
N PHE A 57 8.98 21.72 16.42
CA PHE A 57 7.60 21.29 16.42
C PHE A 57 6.85 22.13 15.40
N GLU A 58 5.68 21.66 15.01
CA GLU A 58 4.83 22.34 14.04
C GLU A 58 3.41 21.81 14.18
N ASN A 59 2.44 22.70 14.06
CA ASN A 59 1.04 22.32 14.18
C ASN A 59 0.27 22.75 12.95
N PHE A 60 -0.42 21.79 12.33
CA PHE A 60 -1.22 22.04 11.14
C PHE A 60 -2.69 21.76 11.43
N SER A 61 -3.56 22.47 10.72
CA SER A 61 -4.99 22.18 10.76
C SER A 61 -5.42 21.83 9.34
N HIS A 62 -6.08 20.68 9.19
CA HIS A 62 -6.48 20.21 7.88
C HIS A 62 -7.89 19.62 7.86
N VAL A 63 -8.67 20.03 6.87
CA VAL A 63 -10.02 19.52 6.67
C VAL A 63 -9.99 18.30 5.75
N MET A 64 -10.51 17.18 6.24
CA MET A 64 -10.58 15.96 5.47
C MET A 64 -12.04 15.60 5.26
N LYS A 65 -12.42 15.41 4.01
CA LYS A 65 -13.74 14.93 3.65
C LYS A 65 -13.73 13.40 3.67
N TYR A 66 -14.59 12.82 4.51
CA TYR A 66 -14.58 11.38 4.72
C TYR A 66 -15.95 11.00 5.24
N LYS A 67 -16.48 9.89 4.72
CA LYS A 67 -17.78 9.39 5.13
C LYS A 67 -18.83 10.50 5.15
N ASN A 68 -18.89 11.26 4.06
CA ASN A 68 -19.98 12.22 3.87
C ASN A 68 -20.00 13.39 4.84
N GLU A 69 -18.88 13.60 5.53
CA GLU A 69 -18.72 14.73 6.44
C GLU A 69 -17.36 15.36 6.25
N GLU A 70 -17.16 16.48 6.94
CA GLU A 70 -15.85 17.10 6.98
C GLU A 70 -15.30 17.06 8.39
N PHE A 71 -14.11 16.51 8.53
CA PHE A 71 -13.44 16.43 9.82
C PHE A 71 -12.28 17.43 9.88
N ILE A 72 -12.16 18.12 11.02
CA ILE A 72 -11.02 19.01 11.27
C ILE A 72 -9.89 18.23 11.96
N LEU A 73 -8.78 18.04 11.24
CA LEU A 73 -7.64 17.35 11.84
C LEU A 73 -6.62 18.35 12.32
N HIS A 74 -6.34 18.36 13.62
CA HIS A 74 -5.24 19.15 14.15
C HIS A 74 -4.02 18.25 14.23
N LEU A 75 -3.06 18.52 13.37
CA LEU A 75 -1.90 17.66 13.21
C LEU A 75 -0.69 18.26 13.92
N TRP A 76 -0.17 17.53 14.91
CA TRP A 76 0.92 18.03 15.72
C TRP A 76 2.20 17.29 15.37
N ASP A 77 3.12 18.00 14.73
CA ASP A 77 4.40 17.44 14.35
C ASP A 77 5.41 17.60 15.50
N THR A 78 6.23 16.58 15.75
CA THR A 78 7.20 16.66 16.85
C THR A 78 8.64 16.33 16.43
N ALA A 79 9.57 16.61 17.32
CA ALA A 79 10.99 16.41 17.05
C ALA A 79 11.38 14.96 17.38
N GLY A 80 11.94 14.27 16.40
CA GLY A 80 12.39 12.91 16.61
C GLY A 80 13.71 12.85 17.36
N GLN A 81 14.44 13.96 17.37
CA GLN A 81 15.76 14.00 17.99
C GLN A 81 15.66 14.10 19.52
N GLU A 82 16.55 13.39 20.21
CA GLU A 82 16.49 13.34 21.66
C GLU A 82 16.92 14.65 22.30
N GLU A 83 17.64 15.48 21.54
CA GLU A 83 17.99 16.82 21.98
C GLU A 83 16.74 17.60 22.42
N TYR A 84 15.59 17.22 21.87
CA TYR A 84 14.34 17.94 22.15
C TYR A 84 13.40 17.18 23.10
N ASP A 85 13.94 16.19 23.79
CA ASP A 85 13.13 15.35 24.69
C ASP A 85 12.28 16.17 25.67
N ARG A 86 12.88 17.19 26.27
CA ARG A 86 12.19 17.99 27.30
C ARG A 86 10.99 18.76 26.71
N LEU A 87 11.10 19.18 25.46
CA LEU A 87 10.04 19.96 24.83
C LEU A 87 8.87 19.13 24.35
N ARG A 88 9.11 17.88 23.97
CA ARG A 88 8.10 17.11 23.24
C ARG A 88 6.80 16.89 24.02
N PRO A 89 6.90 16.66 25.34
CA PRO A 89 5.65 16.42 26.11
C PRO A 89 4.69 17.61 26.06
N LEU A 90 5.21 18.78 25.71
CA LEU A 90 4.36 19.96 25.54
C LEU A 90 3.35 19.77 24.42
N SER A 91 3.56 18.77 23.56
CA SER A 91 2.68 18.54 22.43
C SER A 91 1.57 17.52 22.69
N TYR A 92 1.58 16.89 23.87
CA TYR A 92 0.71 15.72 24.10
C TYR A 92 -0.67 16.01 24.72
N ALA A 93 -0.84 17.16 25.35
CA ALA A 93 -2.09 17.45 26.07
C ALA A 93 -3.33 17.25 25.19
N ASP A 94 -4.27 16.46 25.68
CA ASP A 94 -5.56 16.29 24.99
C ASP A 94 -5.47 15.61 23.63
N SER A 95 -4.43 14.81 23.41
CA SER A 95 -4.28 14.10 22.15
C SER A 95 -5.36 13.05 21.98
N ASP A 96 -6.03 13.04 20.83
CA ASP A 96 -7.01 11.98 20.54
C ASP A 96 -6.35 10.72 20.00
N VAL A 97 -5.36 10.90 19.13
CA VAL A 97 -4.67 9.79 18.50
C VAL A 97 -3.18 10.10 18.44
N VAL A 98 -2.35 9.10 18.72
CA VAL A 98 -0.93 9.23 18.50
C VAL A 98 -0.50 8.29 17.38
N LEU A 99 0.31 8.78 16.44
CA LEU A 99 0.86 7.94 15.39
C LEU A 99 2.28 7.56 15.81
N LEU A 100 2.48 6.27 16.10
CA LEU A 100 3.79 5.76 16.49
C LEU A 100 4.54 5.39 15.21
N CYS A 101 5.45 6.27 14.79
CA CYS A 101 6.06 6.13 13.47
C CYS A 101 7.48 5.58 13.56
N PHE A 102 7.78 4.63 12.68
CA PHE A 102 9.14 4.16 12.46
C PHE A 102 9.29 4.02 10.95
N ALA A 103 10.52 3.90 10.46
CA ALA A 103 10.69 3.64 9.04
C ALA A 103 11.04 2.17 8.88
N VAL A 104 10.40 1.51 7.92
CA VAL A 104 10.53 0.05 7.79
C VAL A 104 11.94 -0.37 7.42
N ASN A 105 12.76 0.58 6.98
CA ASN A 105 14.16 0.29 6.60
C ASN A 105 15.17 0.61 7.70
N ASN A 106 14.65 1.01 8.86
CA ASN A 106 15.43 1.42 10.01
C ASN A 106 14.93 0.62 11.22
N ARG A 107 15.57 -0.53 11.48
CA ARG A 107 15.07 -1.43 12.51
C ARG A 107 15.19 -0.81 13.90
N THR A 108 16.23 0.00 14.09
CA THR A 108 16.39 0.74 15.33
C THR A 108 15.16 1.57 15.64
N SER A 109 14.62 2.25 14.62
CA SER A 109 13.44 3.09 14.81
C SER A 109 12.24 2.22 15.22
N PHE A 110 12.15 1.04 14.63
CA PHE A 110 11.12 0.06 14.99
C PHE A 110 11.24 -0.37 16.46
N ASP A 111 12.43 -0.82 16.86
CA ASP A 111 12.70 -1.22 18.24
C ASP A 111 12.39 -0.09 19.22
N ASN A 112 12.78 1.12 18.85
CA ASN A 112 12.53 2.29 19.69
C ASN A 112 11.07 2.60 19.97
N ILE A 113 10.16 2.06 19.16
CA ILE A 113 8.74 2.20 19.46
C ILE A 113 8.41 1.60 20.84
N SER A 114 8.90 0.40 21.09
CA SER A 114 8.60 -0.32 22.33
C SER A 114 9.35 0.27 23.52
N THR A 115 10.58 0.70 23.29
CA THR A 115 11.41 1.14 24.41
C THR A 115 11.27 2.63 24.76
N LYS A 116 11.04 3.46 23.76
CA LYS A 116 10.99 4.90 24.00
C LYS A 116 9.61 5.53 23.71
N TRP A 117 9.08 5.30 22.51
CA TRP A 117 7.92 6.11 22.06
C TRP A 117 6.61 5.72 22.70
N GLU A 118 6.23 4.45 22.60
CA GLU A 118 5.00 4.01 23.23
C GLU A 118 4.99 4.29 24.74
N PRO A 119 6.11 4.00 25.44
CA PRO A 119 6.10 4.35 26.88
C PRO A 119 5.96 5.85 27.15
N GLU A 120 6.67 6.67 26.39
CA GLU A 120 6.59 8.12 26.59
C GLU A 120 5.15 8.59 26.42
N ILE A 121 4.50 8.07 25.38
CA ILE A 121 3.12 8.44 25.07
C ILE A 121 2.14 7.96 26.13
N LYS A 122 2.31 6.73 26.60
CA LYS A 122 1.40 6.19 27.61
C LYS A 122 1.58 6.91 28.95
N HIS A 123 2.73 7.52 29.14
CA HIS A 123 2.98 8.31 30.32
C HIS A 123 2.18 9.61 30.33
N TYR A 124 2.25 10.34 29.22
CA TYR A 124 1.72 11.70 29.16
C TYR A 124 0.30 11.80 28.64
N ILE A 125 -0.11 10.87 27.78
CA ILE A 125 -1.47 10.90 27.26
C ILE A 125 -2.05 9.49 27.12
N ASP A 126 -2.23 8.81 28.24
CA ASP A 126 -2.61 7.40 28.17
C ASP A 126 -4.00 7.19 27.60
N THR A 127 -4.76 8.28 27.45
CA THR A 127 -6.10 8.21 26.89
C THR A 127 -6.14 8.23 25.36
N ALA A 128 -5.02 8.47 24.71
CA ALA A 128 -5.04 8.55 23.26
C ALA A 128 -5.01 7.15 22.68
N LYS A 129 -5.68 6.97 21.55
CA LYS A 129 -5.53 5.72 20.81
C LYS A 129 -4.24 5.81 20.04
N THR A 130 -3.57 4.67 19.84
CA THR A 130 -2.33 4.67 19.09
C THR A 130 -2.50 3.93 17.78
N VAL A 131 -1.78 4.38 16.77
CA VAL A 131 -1.80 3.74 15.47
C VAL A 131 -0.34 3.52 15.15
N LEU A 132 0.05 2.29 14.83
CA LEU A 132 1.42 2.01 14.39
C LEU A 132 1.56 2.29 12.90
N VAL A 133 2.54 3.09 12.51
CA VAL A 133 2.70 3.47 11.11
C VAL A 133 4.11 3.14 10.67
N GLY A 134 4.24 2.24 9.70
CA GLY A 134 5.55 1.88 9.16
C GLY A 134 5.78 2.72 7.91
N LEU A 135 6.71 3.66 8.00
CA LEU A 135 6.95 4.64 6.94
C LEU A 135 8.03 4.22 5.93
N LYS A 136 8.12 4.94 4.81
CA LYS A 136 9.11 4.64 3.79
C LYS A 136 8.95 3.22 3.22
N VAL A 137 7.74 2.70 3.18
CA VAL A 137 7.58 1.32 2.71
C VAL A 137 8.08 1.16 1.27
N ASP A 138 8.22 2.27 0.55
CA ASP A 138 8.75 2.21 -0.81
C ASP A 138 10.20 1.68 -0.84
N LEU A 139 10.92 1.79 0.27
CA LEU A 139 12.34 1.43 0.29
C LEU A 139 12.58 -0.02 0.68
N ARG A 140 11.53 -0.75 1.05
CA ARG A 140 11.72 -2.09 1.58
C ARG A 140 12.15 -3.11 0.53
N LYS A 141 13.13 -3.95 0.88
CA LYS A 141 13.66 -4.98 -0.04
C LYS A 141 13.98 -6.23 0.77
N ASP A 142 13.83 -7.42 0.17
CA ASP A 142 14.24 -8.65 0.84
C ASP A 142 15.75 -8.66 1.09
N GLY A 143 16.19 -9.40 2.11
CA GLY A 143 17.61 -9.59 2.36
C GLY A 143 18.37 -8.43 2.99
N SER A 144 17.71 -7.65 3.82
CA SER A 144 18.36 -6.57 4.55
C SER A 144 17.74 -6.37 5.93
N ASP A 145 16.92 -7.34 6.33
CA ASP A 145 16.29 -7.33 7.64
C ASP A 145 15.41 -6.10 7.86
N ASP A 146 14.79 -5.63 6.79
CA ASP A 146 13.78 -4.57 6.92
C ASP A 146 12.59 -5.10 7.71
N VAL A 147 11.90 -4.20 8.38
CA VAL A 147 10.71 -4.58 9.13
C VAL A 147 9.63 -5.08 8.17
N THR A 148 9.16 -6.30 8.41
CA THR A 148 8.15 -6.88 7.55
C THR A 148 6.76 -6.52 8.05
N LYS A 149 5.77 -6.67 7.17
CA LYS A 149 4.38 -6.46 7.55
C LYS A 149 4.01 -7.29 8.76
N GLN A 150 4.45 -8.55 8.82
CA GLN A 150 4.10 -9.41 9.95
C GLN A 150 4.64 -8.87 11.27
N GLU A 151 5.86 -8.35 11.23
CA GLU A 151 6.49 -7.81 12.42
C GLU A 151 5.68 -6.61 12.93
N GLY A 152 5.20 -5.80 12.01
CA GLY A 152 4.40 -4.63 12.37
C GLY A 152 3.09 -5.07 13.00
N ASP A 153 2.46 -6.08 12.40
CA ASP A 153 1.22 -6.65 12.94
C ASP A 153 1.46 -7.21 14.33
N ASP A 154 2.54 -7.98 14.50
CA ASP A 154 2.92 -8.51 15.82
C ASP A 154 3.08 -7.39 16.89
N LEU A 155 3.81 -6.32 16.54
CA LEU A 155 4.02 -5.21 17.48
C LEU A 155 2.71 -4.48 17.77
N CYS A 156 1.88 -4.30 16.76
CA CYS A 156 0.60 -3.61 16.94
C CYS A 156 -0.20 -4.38 18.00
N GLN A 157 -0.17 -5.71 17.91
CA GLN A 157 -0.85 -6.59 18.86
C GLN A 157 -0.24 -6.43 20.26
N LYS A 158 1.08 -6.43 20.33
CA LYS A 158 1.77 -6.35 21.60
C LYS A 158 1.42 -5.05 22.32
N LEU A 159 1.44 -3.94 21.59
CA LEU A 159 1.24 -2.62 22.18
C LEU A 159 -0.23 -2.20 22.31
N GLY A 160 -1.13 -2.98 21.74
CA GLY A 160 -2.55 -2.65 21.79
C GLY A 160 -2.93 -1.48 20.87
N CYS A 161 -2.20 -1.32 19.77
CA CYS A 161 -2.56 -0.27 18.80
C CYS A 161 -3.86 -0.60 18.06
N VAL A 162 -4.53 0.42 17.53
CA VAL A 162 -5.76 0.18 16.78
C VAL A 162 -5.46 -0.51 15.46
N ALA A 163 -4.28 -0.26 14.91
CA ALA A 163 -3.91 -0.85 13.64
C ALA A 163 -2.44 -0.66 13.33
N TYR A 164 -1.97 -1.46 12.38
CA TYR A 164 -0.66 -1.21 11.78
C TYR A 164 -0.88 -0.90 10.32
N ILE A 165 -0.34 0.23 9.87
CA ILE A 165 -0.55 0.67 8.52
C ILE A 165 0.80 1.05 7.92
N GLU A 166 1.03 0.64 6.69
CA GLU A 166 2.30 0.95 6.01
C GLU A 166 2.05 2.04 4.98
N ALA A 167 3.03 2.93 4.82
CA ALA A 167 2.82 4.11 3.99
C ALA A 167 4.13 4.56 3.39
N SER A 168 4.01 5.31 2.31
CA SER A 168 5.13 6.02 1.69
C SER A 168 4.68 7.42 1.28
N SER A 169 5.29 8.45 1.88
CA SER A 169 5.00 9.84 1.50
C SER A 169 5.49 10.12 0.10
N VAL A 170 6.58 9.45 -0.28
CA VAL A 170 7.20 9.65 -1.59
C VAL A 170 6.38 9.05 -2.73
N ALA A 171 6.00 7.78 -2.58
CA ALA A 171 5.24 7.04 -3.59
C ALA A 171 3.73 7.24 -3.42
N LYS A 172 3.32 7.95 -2.37
CA LYS A 172 1.91 8.20 -2.07
C LYS A 172 1.15 6.89 -1.91
N ILE A 173 1.59 6.09 -0.96
CA ILE A 173 0.95 4.83 -0.60
C ILE A 173 0.45 4.95 0.84
N GLY A 174 -0.80 4.58 1.07
CA GLY A 174 -1.33 4.40 2.42
C GLY A 174 -1.59 5.66 3.22
N LEU A 175 -1.44 6.82 2.58
CA LEU A 175 -1.56 8.09 3.29
C LEU A 175 -2.98 8.34 3.80
N ASN A 176 -3.97 8.27 2.93
CA ASN A 176 -5.34 8.45 3.38
C ASN A 176 -5.72 7.41 4.42
N GLU A 177 -5.28 6.16 4.23
CA GLU A 177 -5.63 5.10 5.17
C GLU A 177 -5.18 5.40 6.62
N VAL A 178 -4.00 6.03 6.77
CA VAL A 178 -3.53 6.37 8.10
C VAL A 178 -4.55 7.28 8.79
N PHE A 179 -4.97 8.31 8.08
CA PHE A 179 -5.80 9.33 8.68
C PHE A 179 -7.28 8.94 8.75
N GLU A 180 -7.72 8.13 7.80
CA GLU A 180 -9.08 7.54 7.88
C GLU A 180 -9.22 6.61 9.10
N LYS A 181 -8.19 5.81 9.37
CA LYS A 181 -8.23 4.93 10.53
C LYS A 181 -8.13 5.75 11.81
N SER A 182 -7.29 6.79 11.79
CA SER A 182 -7.24 7.72 12.91
C SER A 182 -8.65 8.29 13.20
N VAL A 183 -9.35 8.78 12.17
CA VAL A 183 -10.71 9.28 12.39
C VAL A 183 -11.64 8.19 12.91
N ASP A 184 -11.61 7.03 12.24
CA ASP A 184 -12.45 5.88 12.59
C ASP A 184 -12.36 5.47 14.06
N CYS A 185 -11.15 5.34 14.57
CA CYS A 185 -10.98 4.82 15.94
C CYS A 185 -11.58 5.80 16.96
N ILE A 186 -11.80 7.04 16.54
CA ILE A 186 -12.43 8.04 17.40
C ILE A 186 -13.93 8.18 17.14
N PHE A 187 -14.34 8.22 15.89
CA PHE A 187 -15.73 8.58 15.54
C PHE A 187 -16.54 7.49 14.85
N SER A 188 -15.91 6.38 14.48
CA SER A 188 -16.61 5.33 13.75
C SER A 188 -17.61 4.60 14.63
N ASN A 189 -18.48 3.82 13.99
CA ASN A 189 -19.50 3.05 14.69
C ASN A 189 -19.02 1.66 15.14
N LYS A 190 -17.79 1.31 14.81
CA LYS A 190 -17.24 -0.02 15.09
C LYS A 190 -15.73 0.07 15.36
N PRO A 191 -15.19 -0.93 16.08
CA PRO A 191 -13.75 -0.97 16.37
C PRO A 191 -12.90 -0.70 15.13
N LYS B 21 -14.08 -28.06 -3.66
CA LYS B 21 -13.28 -26.92 -3.23
C LYS B 21 -13.33 -25.77 -4.25
N LYS B 22 -13.47 -24.55 -3.73
CA LYS B 22 -13.59 -23.36 -4.56
C LYS B 22 -12.26 -23.11 -5.26
N ALA B 23 -12.34 -22.76 -6.55
CA ALA B 23 -11.15 -22.55 -7.35
C ALA B 23 -11.42 -21.47 -8.38
N LEU B 24 -10.34 -20.92 -8.94
CA LEU B 24 -10.42 -19.80 -9.82
C LEU B 24 -9.24 -19.85 -10.78
N LYS B 25 -9.47 -19.59 -12.05
CA LYS B 25 -8.37 -19.36 -12.99
C LYS B 25 -8.15 -17.86 -13.14
N ILE B 26 -6.92 -17.42 -12.88
CA ILE B 26 -6.59 -16.01 -12.98
C ILE B 26 -5.45 -15.90 -13.99
N VAL B 27 -5.60 -15.00 -14.95
CA VAL B 27 -4.57 -14.80 -15.98
C VAL B 27 -4.04 -13.38 -15.86
N VAL B 28 -2.74 -13.22 -16.10
CA VAL B 28 -2.12 -11.93 -15.91
C VAL B 28 -1.60 -11.50 -17.29
N VAL B 29 -1.99 -10.30 -17.72
CA VAL B 29 -1.55 -9.78 -19.01
C VAL B 29 -1.03 -8.35 -18.86
N GLY B 30 -0.21 -7.92 -19.82
CA GLY B 30 0.30 -6.56 -19.77
C GLY B 30 1.68 -6.51 -20.40
N ASP B 31 2.18 -5.30 -20.63
CA ASP B 31 3.43 -5.11 -21.37
C ASP B 31 4.64 -5.88 -20.84
N GLY B 32 5.63 -6.06 -21.72
CA GLY B 32 6.88 -6.69 -21.31
C GLY B 32 7.42 -5.96 -20.10
N ALA B 33 7.93 -6.71 -19.13
CA ALA B 33 8.68 -6.11 -18.01
C ALA B 33 7.87 -5.24 -17.04
N VAL B 34 6.54 -5.35 -17.04
CA VAL B 34 5.78 -4.57 -16.05
C VAL B 34 5.81 -5.21 -14.68
N GLY B 35 6.13 -6.51 -14.61
CA GLY B 35 6.26 -7.20 -13.33
C GLY B 35 5.21 -8.27 -13.00
N LYS B 36 4.59 -8.85 -14.03
CA LYS B 36 3.61 -9.93 -13.91
C LYS B 36 4.20 -11.18 -13.25
N THR B 37 5.34 -11.61 -13.74
CA THR B 37 5.96 -12.79 -13.16
C THR B 37 6.34 -12.58 -11.68
N CYS B 38 6.95 -11.44 -11.34
CA CYS B 38 7.31 -11.16 -9.97
C CYS B 38 6.09 -11.09 -9.07
N LEU B 39 5.02 -10.48 -9.56
CA LEU B 39 3.74 -10.46 -8.81
C LEU B 39 3.32 -11.85 -8.39
N LEU B 40 3.21 -12.76 -9.36
CA LEU B 40 2.75 -14.13 -9.11
C LEU B 40 3.67 -14.88 -8.14
N LEU B 41 4.97 -14.69 -8.28
CA LEU B 41 5.94 -15.36 -7.41
C LEU B 41 6.04 -14.74 -6.02
N ALA B 42 6.02 -13.40 -5.93
CA ALA B 42 6.02 -12.76 -4.64
C ALA B 42 4.79 -13.19 -3.87
N PHE B 43 3.66 -13.26 -4.57
CA PHE B 43 2.41 -13.65 -3.92
C PHE B 43 2.44 -15.08 -3.42
N SER B 44 2.85 -15.99 -4.29
CA SER B 44 2.66 -17.41 -4.01
C SER B 44 3.86 -18.08 -3.32
N LYS B 45 5.06 -17.55 -3.55
CA LYS B 45 6.27 -18.12 -2.95
C LYS B 45 6.93 -17.15 -1.97
N GLY B 46 6.51 -15.89 -1.99
CA GLY B 46 7.09 -14.89 -1.11
C GLY B 46 8.51 -14.46 -1.47
N GLU B 47 8.93 -14.78 -2.68
CA GLU B 47 10.22 -14.30 -3.17
C GLU B 47 10.22 -14.25 -4.68
N ILE B 48 10.97 -13.30 -5.23
CA ILE B 48 11.03 -13.11 -6.67
C ILE B 48 12.34 -13.64 -7.24
N PRO B 49 12.34 -13.91 -8.57
CA PRO B 49 13.55 -14.36 -9.27
C PRO B 49 14.62 -13.29 -9.28
N THR B 50 15.85 -13.69 -9.01
CA THR B 50 16.97 -12.75 -8.93
C THR B 50 17.25 -12.11 -10.28
N ALA B 51 17.16 -12.91 -11.33
CA ALA B 51 17.45 -12.43 -12.69
C ALA B 51 16.19 -12.35 -13.55
N TYR B 52 16.12 -11.31 -14.37
CA TYR B 52 14.98 -11.07 -15.25
C TYR B 52 14.97 -11.98 -16.49
N VAL B 53 13.99 -12.87 -16.57
CA VAL B 53 13.81 -13.70 -17.77
C VAL B 53 12.41 -13.56 -18.35
N PRO B 54 12.33 -13.08 -19.60
CA PRO B 54 11.01 -12.84 -20.20
C PRO B 54 10.21 -14.14 -20.32
N THR B 55 8.91 -14.05 -20.07
CA THR B 55 8.06 -15.21 -20.07
C THR B 55 7.54 -15.55 -21.45
N VAL B 56 7.48 -16.86 -21.74
CA VAL B 56 6.76 -17.34 -22.90
C VAL B 56 5.35 -17.64 -22.40
N PHE B 57 5.26 -18.54 -21.44
CA PHE B 57 4.05 -18.71 -20.65
C PHE B 57 4.39 -19.61 -19.49
N GLU B 58 3.58 -19.55 -18.45
CA GLU B 58 3.72 -20.51 -17.37
C GLU B 58 2.46 -20.53 -16.53
N ASN B 59 2.12 -21.72 -16.05
CA ASN B 59 0.97 -21.90 -15.19
C ASN B 59 1.43 -22.57 -13.93
N PHE B 60 0.87 -22.14 -12.81
CA PHE B 60 0.96 -22.96 -11.62
C PHE B 60 -0.25 -22.79 -10.74
N SER B 61 -0.27 -23.55 -9.66
CA SER B 61 -1.43 -23.66 -8.83
C SER B 61 -0.97 -23.37 -7.42
N HIS B 62 -1.69 -22.51 -6.73
CA HIS B 62 -1.34 -22.13 -5.37
C HIS B 62 -2.59 -22.11 -4.53
N VAL B 63 -2.50 -22.67 -3.34
CA VAL B 63 -3.63 -22.69 -2.43
C VAL B 63 -3.55 -21.44 -1.55
N MET B 64 -4.58 -20.60 -1.62
CA MET B 64 -4.64 -19.41 -0.79
C MET B 64 -5.57 -19.60 0.38
N LYS B 65 -5.05 -19.39 1.58
CA LYS B 65 -5.87 -19.37 2.79
C LYS B 65 -6.37 -17.94 3.04
N TYR B 66 -7.68 -17.79 3.07
CA TYR B 66 -8.30 -16.48 3.11
C TYR B 66 -9.69 -16.71 3.68
N LYS B 67 -10.10 -15.87 4.62
CA LYS B 67 -11.42 -16.01 5.25
C LYS B 67 -11.58 -17.39 5.89
N ASN B 68 -10.48 -17.93 6.41
CA ASN B 68 -10.53 -19.22 7.08
C ASN B 68 -10.95 -20.33 6.13
N GLU B 69 -10.84 -20.06 4.84
CA GLU B 69 -11.15 -21.02 3.80
C GLU B 69 -9.93 -21.15 2.90
N GLU B 70 -9.87 -22.25 2.15
CA GLU B 70 -8.83 -22.40 1.14
C GLU B 70 -9.40 -22.24 -0.27
N PHE B 71 -8.73 -21.42 -1.06
CA PHE B 71 -9.06 -21.26 -2.47
C PHE B 71 -7.93 -21.79 -3.35
N ILE B 72 -8.31 -22.53 -4.38
CA ILE B 72 -7.37 -23.10 -5.34
C ILE B 72 -7.18 -22.08 -6.46
N LEU B 73 -5.98 -21.52 -6.59
CA LEU B 73 -5.73 -20.50 -7.60
C LEU B 73 -4.88 -21.03 -8.74
N HIS B 74 -5.43 -21.06 -9.93
CA HIS B 74 -4.67 -21.46 -11.10
C HIS B 74 -4.15 -20.19 -11.71
N LEU B 75 -2.85 -19.96 -11.56
CA LEU B 75 -2.26 -18.70 -11.99
C LEU B 75 -1.59 -18.89 -13.33
N TRP B 76 -2.04 -18.13 -14.32
CA TRP B 76 -1.54 -18.27 -15.70
C TRP B 76 -0.74 -17.03 -16.06
N ASP B 77 0.58 -17.22 -16.15
CA ASP B 77 1.50 -16.16 -16.53
C ASP B 77 1.63 -16.12 -18.07
N THR B 78 1.63 -14.91 -18.66
CA THR B 78 1.71 -14.78 -20.11
C THR B 78 2.85 -13.86 -20.53
N ALA B 79 3.12 -13.86 -21.83
CA ALA B 79 4.21 -13.07 -22.39
C ALA B 79 3.76 -11.64 -22.66
N GLY B 80 4.45 -10.67 -22.06
CA GLY B 80 4.23 -9.26 -22.37
C GLY B 80 4.67 -8.85 -23.78
N GLN B 81 5.61 -9.59 -24.36
CA GLN B 81 6.21 -9.19 -25.62
C GLN B 81 5.36 -9.47 -26.86
N GLU B 82 5.34 -8.52 -27.79
CA GLU B 82 4.62 -8.66 -29.05
C GLU B 82 4.95 -9.95 -29.79
N GLU B 83 6.20 -10.40 -29.69
CA GLU B 83 6.67 -11.58 -30.40
C GLU B 83 5.80 -12.82 -30.16
N TYR B 84 5.02 -12.78 -29.10
CA TYR B 84 4.22 -13.91 -28.68
C TYR B 84 2.71 -13.64 -28.71
N ASP B 85 2.30 -12.60 -29.43
CA ASP B 85 0.89 -12.29 -29.55
C ASP B 85 0.09 -13.50 -29.98
N ARG B 86 0.67 -14.29 -30.89
CA ARG B 86 -0.06 -15.41 -31.48
C ARG B 86 -0.33 -16.54 -30.47
N LEU B 87 0.59 -16.71 -29.53
CA LEU B 87 0.47 -17.74 -28.49
C LEU B 87 -0.47 -17.33 -27.36
N ARG B 88 -0.47 -16.05 -27.03
CA ARG B 88 -1.10 -15.62 -25.78
C ARG B 88 -2.55 -16.09 -25.63
N PRO B 89 -3.36 -15.99 -26.71
CA PRO B 89 -4.78 -16.33 -26.54
C PRO B 89 -4.99 -17.79 -26.13
N LEU B 90 -3.96 -18.62 -26.29
CA LEU B 90 -4.04 -20.00 -25.79
C LEU B 90 -4.24 -20.08 -24.27
N SER B 91 -4.01 -18.97 -23.58
CA SER B 91 -4.10 -18.96 -22.11
C SER B 91 -5.44 -18.50 -21.59
N TYR B 92 -6.30 -17.97 -22.47
CA TYR B 92 -7.45 -17.23 -21.98
C TYR B 92 -8.68 -18.07 -21.64
N ALA B 93 -8.77 -19.26 -22.23
CA ALA B 93 -9.99 -20.07 -22.15
C ALA B 93 -10.42 -20.28 -20.71
N ASP B 94 -11.70 -20.06 -20.45
CA ASP B 94 -12.25 -20.37 -19.14
C ASP B 94 -11.64 -19.57 -17.98
N SER B 95 -11.09 -18.39 -18.26
CA SER B 95 -10.55 -17.55 -17.18
C SER B 95 -11.66 -16.92 -16.36
N ASP B 96 -11.56 -17.00 -15.03
CA ASP B 96 -12.53 -16.32 -14.18
C ASP B 96 -12.14 -14.85 -13.94
N VAL B 97 -10.83 -14.60 -13.84
CA VAL B 97 -10.35 -13.26 -13.59
C VAL B 97 -9.11 -12.94 -14.43
N VAL B 98 -9.11 -11.75 -15.02
CA VAL B 98 -7.89 -11.26 -15.69
C VAL B 98 -7.29 -10.06 -14.94
N LEU B 99 -5.99 -10.11 -14.68
CA LEU B 99 -5.32 -8.99 -14.07
C LEU B 99 -4.70 -8.20 -15.21
N LEU B 100 -5.20 -6.97 -15.40
CA LEU B 100 -4.65 -6.05 -16.40
C LEU B 100 -3.52 -5.29 -15.77
N CYS B 101 -2.28 -5.69 -16.06
CA CYS B 101 -1.13 -5.17 -15.34
C CYS B 101 -0.38 -4.13 -16.15
N PHE B 102 -0.04 -3.04 -15.47
CA PHE B 102 0.88 -2.02 -15.98
C PHE B 102 1.84 -1.66 -14.86
N ALA B 103 2.99 -1.08 -15.18
CA ALA B 103 3.88 -0.61 -14.14
C ALA B 103 3.66 0.90 -13.99
N VAL B 104 3.52 1.39 -12.77
CA VAL B 104 3.19 2.83 -12.55
C VAL B 104 4.28 3.80 -13.02
N ASN B 105 5.49 3.30 -13.20
CA ASN B 105 6.59 4.15 -13.70
C ASN B 105 6.79 4.04 -15.21
N ASN B 106 5.83 3.41 -15.89
CA ASN B 106 5.91 3.24 -17.33
C ASN B 106 4.57 3.60 -17.96
N ARG B 107 4.41 4.88 -18.31
CA ARG B 107 3.11 5.36 -18.79
C ARG B 107 2.68 4.70 -20.09
N THR B 108 3.65 4.28 -20.91
CA THR B 108 3.30 3.51 -22.08
C THR B 108 2.53 2.23 -21.75
N SER B 109 2.96 1.50 -20.73
CA SER B 109 2.28 0.26 -20.35
C SER B 109 0.85 0.54 -19.86
N PHE B 110 0.66 1.68 -19.20
CA PHE B 110 -0.66 2.15 -18.76
C PHE B 110 -1.55 2.45 -19.97
N ASP B 111 -1.06 3.29 -20.90
CA ASP B 111 -1.81 3.57 -22.11
C ASP B 111 -2.15 2.29 -22.88
N ASN B 112 -1.23 1.32 -22.89
CA ASN B 112 -1.50 0.06 -23.59
C ASN B 112 -2.59 -0.80 -22.98
N ILE B 113 -2.99 -0.52 -21.75
CA ILE B 113 -4.12 -1.24 -21.17
C ILE B 113 -5.39 -1.00 -22.02
N SER B 114 -5.65 0.26 -22.36
CA SER B 114 -6.81 0.65 -23.14
C SER B 114 -6.70 0.26 -24.62
N THR B 115 -5.51 0.40 -25.18
CA THR B 115 -5.35 0.15 -26.62
C THR B 115 -5.11 -1.33 -27.00
N LYS B 116 -4.42 -2.08 -26.14
CA LYS B 116 -4.09 -3.47 -26.49
C LYS B 116 -4.72 -4.52 -25.58
N TRP B 117 -4.39 -4.47 -24.28
CA TRP B 117 -4.70 -5.56 -23.37
C TRP B 117 -6.19 -5.73 -23.07
N GLU B 118 -6.88 -4.67 -22.65
CA GLU B 118 -8.31 -4.83 -22.35
C GLU B 118 -9.12 -5.25 -23.59
N PRO B 119 -8.85 -4.64 -24.76
CA PRO B 119 -9.52 -5.14 -25.97
C PRO B 119 -9.18 -6.61 -26.27
N GLU B 120 -7.93 -7.03 -26.04
CA GLU B 120 -7.58 -8.41 -26.34
C GLU B 120 -8.35 -9.37 -25.43
N ILE B 121 -8.38 -9.03 -24.16
CA ILE B 121 -9.11 -9.82 -23.16
C ILE B 121 -10.60 -9.88 -23.46
N LYS B 122 -11.20 -8.74 -23.72
CA LYS B 122 -12.65 -8.68 -23.98
C LYS B 122 -13.04 -9.52 -25.20
N HIS B 123 -12.13 -9.59 -26.18
CA HIS B 123 -12.35 -10.38 -27.38
C HIS B 123 -12.33 -11.89 -27.10
N TYR B 124 -11.32 -12.36 -26.39
CA TYR B 124 -11.12 -13.78 -26.19
C TYR B 124 -11.83 -14.38 -24.98
N ILE B 125 -12.05 -13.56 -23.94
CA ILE B 125 -12.70 -14.04 -22.71
C ILE B 125 -13.50 -12.93 -22.01
N ASP B 126 -14.57 -12.48 -22.66
CA ASP B 126 -15.31 -11.31 -22.17
C ASP B 126 -16.14 -11.59 -20.93
N THR B 127 -16.22 -12.86 -20.56
CA THR B 127 -16.92 -13.28 -19.34
C THR B 127 -16.07 -13.16 -18.07
N ALA B 128 -14.77 -12.98 -18.25
CA ALA B 128 -13.86 -12.85 -17.11
C ALA B 128 -14.09 -11.52 -16.43
N LYS B 129 -13.96 -11.46 -15.10
CA LYS B 129 -13.98 -10.17 -14.44
C LYS B 129 -12.55 -9.62 -14.55
N THR B 130 -12.40 -8.31 -14.66
CA THR B 130 -11.07 -7.73 -14.76
C THR B 130 -10.67 -6.93 -13.53
N VAL B 131 -9.39 -6.96 -13.20
CA VAL B 131 -8.88 -6.19 -12.09
C VAL B 131 -7.73 -5.40 -12.65
N LEU B 132 -7.71 -4.09 -12.39
CA LEU B 132 -6.62 -3.27 -12.88
C LEU B 132 -5.52 -3.22 -11.82
N VAL B 133 -4.28 -3.52 -12.22
CA VAL B 133 -3.23 -3.67 -11.24
C VAL B 133 -2.05 -2.79 -11.65
N GLY B 134 -1.70 -1.84 -10.78
CA GLY B 134 -0.58 -0.92 -11.02
C GLY B 134 0.61 -1.44 -10.21
N LEU B 135 1.61 -1.95 -10.93
CA LEU B 135 2.75 -2.61 -10.32
C LEU B 135 3.95 -1.67 -10.13
N LYS B 136 4.93 -2.15 -9.38
CA LYS B 136 6.15 -1.37 -9.10
C LYS B 136 5.81 -0.06 -8.38
N VAL B 137 4.78 -0.08 -7.54
CA VAL B 137 4.37 1.17 -6.90
C VAL B 137 5.46 1.74 -6.03
N ASP B 138 6.41 0.90 -5.61
CA ASP B 138 7.58 1.35 -4.86
C ASP B 138 8.41 2.40 -5.61
N LEU B 139 8.34 2.42 -6.94
CA LEU B 139 9.20 3.30 -7.75
C LEU B 139 8.57 4.68 -7.97
N ARG B 140 7.31 4.83 -7.60
CA ARG B 140 6.62 6.10 -7.85
C ARG B 140 7.19 7.28 -7.06
N LYS B 141 7.34 8.41 -7.74
CA LYS B 141 7.68 9.67 -7.07
C LYS B 141 7.05 10.88 -7.78
N ASP B 142 6.94 12.01 -7.07
CA ASP B 142 6.39 13.22 -7.67
C ASP B 142 7.31 13.77 -8.77
N GLY B 143 6.73 14.40 -9.80
CA GLY B 143 7.50 15.11 -10.82
C GLY B 143 8.16 14.22 -11.86
N SER B 144 7.61 13.03 -12.09
CA SER B 144 8.19 12.09 -13.04
C SER B 144 7.16 11.52 -14.02
N ASP B 145 5.96 12.08 -14.01
CA ASP B 145 4.89 11.61 -14.90
C ASP B 145 4.50 10.14 -14.67
N ASP B 146 4.75 9.63 -13.47
CA ASP B 146 4.28 8.28 -13.14
C ASP B 146 2.76 8.29 -13.09
N VAL B 147 2.13 7.13 -13.27
CA VAL B 147 0.69 6.98 -13.15
C VAL B 147 0.26 7.15 -11.70
N THR B 148 -0.68 8.07 -11.47
CA THR B 148 -1.15 8.31 -10.12
C THR B 148 -2.34 7.40 -9.74
N LYS B 149 -2.58 7.27 -8.44
CA LYS B 149 -3.70 6.50 -7.95
C LYS B 149 -5.00 7.00 -8.61
N GLN B 150 -5.14 8.31 -8.73
CA GLN B 150 -6.32 8.88 -9.36
C GLN B 150 -6.49 8.39 -10.80
N GLU B 151 -5.39 8.33 -11.55
CA GLU B 151 -5.45 7.88 -12.94
C GLU B 151 -5.88 6.42 -13.05
N GLY B 152 -5.38 5.59 -12.13
CA GLY B 152 -5.73 4.19 -12.07
C GLY B 152 -7.20 4.02 -11.74
N ASP B 153 -7.70 4.80 -10.79
CA ASP B 153 -9.12 4.72 -10.41
C ASP B 153 -9.99 5.16 -11.59
N ASP B 154 -9.58 6.23 -12.27
CA ASP B 154 -10.30 6.70 -13.46
C ASP B 154 -10.35 5.62 -14.57
N LEU B 155 -9.22 4.98 -14.84
CA LEU B 155 -9.19 3.96 -15.90
C LEU B 155 -10.04 2.75 -15.50
N CYS B 156 -9.96 2.38 -14.22
CA CYS B 156 -10.75 1.28 -13.67
C CYS B 156 -12.22 1.52 -14.00
N GLN B 157 -12.71 2.69 -13.66
CA GLN B 157 -14.11 3.04 -13.93
C GLN B 157 -14.40 3.03 -15.43
N LYS B 158 -13.49 3.59 -16.23
CA LYS B 158 -13.71 3.64 -17.68
C LYS B 158 -13.85 2.24 -18.30
N LEU B 159 -13.04 1.30 -17.83
CA LEU B 159 -13.04 -0.06 -18.38
C LEU B 159 -14.06 -1.01 -17.72
N GLY B 160 -14.64 -0.58 -16.61
CA GLY B 160 -15.53 -1.44 -15.85
C GLY B 160 -14.80 -2.56 -15.13
N CYS B 161 -13.60 -2.28 -14.62
CA CYS B 161 -12.88 -3.25 -13.79
C CYS B 161 -13.52 -3.29 -12.41
N VAL B 162 -13.34 -4.39 -11.69
CA VAL B 162 -13.93 -4.50 -10.34
C VAL B 162 -13.17 -3.62 -9.35
N ALA B 163 -11.88 -3.42 -9.61
CA ALA B 163 -11.08 -2.61 -8.70
C ALA B 163 -9.79 -2.19 -9.36
N TYR B 164 -9.19 -1.12 -8.84
CA TYR B 164 -7.82 -0.77 -9.15
C TYR B 164 -6.99 -0.97 -7.90
N ILE B 165 -5.90 -1.74 -7.99
CA ILE B 165 -5.05 -2.05 -6.85
C ILE B 165 -3.59 -1.80 -7.21
N GLU B 166 -2.84 -1.14 -6.32
CA GLU B 166 -1.41 -0.92 -6.56
C GLU B 166 -0.58 -1.89 -5.71
N ALA B 167 0.49 -2.44 -6.29
CA ALA B 167 1.25 -3.47 -5.61
C ALA B 167 2.74 -3.27 -5.88
N SER B 168 3.59 -3.82 -5.00
CA SER B 168 5.03 -3.89 -5.25
C SER B 168 5.48 -5.29 -4.84
N SER B 169 5.98 -6.04 -5.80
CA SER B 169 6.56 -7.37 -5.52
C SER B 169 7.88 -7.25 -4.77
N VAL B 170 8.59 -6.15 -5.02
CA VAL B 170 9.86 -5.93 -4.35
C VAL B 170 9.67 -5.52 -2.89
N ALA B 171 8.78 -4.57 -2.61
CA ALA B 171 8.59 -4.08 -1.26
C ALA B 171 7.49 -4.86 -0.53
N LYS B 172 6.90 -5.83 -1.20
CA LYS B 172 5.77 -6.61 -0.69
C LYS B 172 4.68 -5.69 -0.21
N ILE B 173 4.10 -4.95 -1.13
CA ILE B 173 2.98 -4.07 -0.83
C ILE B 173 1.84 -4.59 -1.64
N GLY B 174 0.68 -4.77 -1.01
CA GLY B 174 -0.53 -5.01 -1.77
C GLY B 174 -0.66 -6.34 -2.50
N LEU B 175 0.28 -7.26 -2.30
CA LEU B 175 0.23 -8.55 -2.99
C LEU B 175 -1.02 -9.37 -2.66
N ASN B 176 -1.26 -9.60 -1.37
CA ASN B 176 -2.42 -10.38 -0.98
C ASN B 176 -3.69 -9.69 -1.44
N GLU B 177 -3.72 -8.37 -1.37
CA GLU B 177 -4.90 -7.61 -1.75
C GLU B 177 -5.35 -7.89 -3.20
N VAL B 178 -4.40 -7.96 -4.12
CA VAL B 178 -4.74 -8.25 -5.51
C VAL B 178 -5.53 -9.57 -5.60
N PHE B 179 -5.05 -10.61 -4.91
CA PHE B 179 -5.67 -11.91 -5.04
C PHE B 179 -6.89 -12.12 -4.13
N GLU B 180 -6.93 -11.41 -3.00
CA GLU B 180 -8.12 -11.38 -2.17
C GLU B 180 -9.24 -10.67 -2.92
N LYS B 181 -8.92 -9.59 -3.63
CA LYS B 181 -9.94 -8.91 -4.42
C LYS B 181 -10.41 -9.80 -5.59
N SER B 182 -9.47 -10.50 -6.23
CA SER B 182 -9.85 -11.45 -7.27
C SER B 182 -10.82 -12.50 -6.74
N VAL B 183 -10.47 -13.15 -5.64
CA VAL B 183 -11.36 -14.13 -5.04
C VAL B 183 -12.72 -13.50 -4.74
N ASP B 184 -12.70 -12.32 -4.11
CA ASP B 184 -13.93 -11.68 -3.67
C ASP B 184 -14.91 -11.32 -4.80
N CYS B 185 -14.38 -10.83 -5.93
CA CYS B 185 -15.27 -10.47 -7.04
C CYS B 185 -15.95 -11.71 -7.64
N ILE B 186 -15.39 -12.88 -7.37
CA ILE B 186 -16.04 -14.11 -7.78
C ILE B 186 -16.92 -14.69 -6.64
N PHE B 187 -16.37 -14.82 -5.45
CA PHE B 187 -17.11 -15.49 -4.35
C PHE B 187 -17.69 -14.59 -3.25
N SER B 188 -18.09 -13.37 -3.59
CA SER B 188 -18.74 -12.49 -2.63
C SER B 188 -19.70 -11.52 -3.30
PG GSP C . 12.53 14.79 12.36
O3B GSP C . 12.38 13.80 11.09
S1G GSP C . 14.25 14.99 12.56
O2G GSP C . 11.90 16.13 12.08
O3G GSP C . 11.87 14.15 13.60
PB GSP C . 11.08 13.34 10.32
O1B GSP C . 10.62 12.06 10.92
O2B GSP C . 10.00 14.36 10.23
PA GSP C . 11.18 13.68 7.45
O1A GSP C . 9.73 13.55 7.17
O2A GSP C . 11.63 15.10 7.42
O3A GSP C . 11.62 12.96 8.84
O5' GSP C . 12.00 12.79 6.40
C5' GSP C . 13.36 12.51 6.65
C4' GSP C . 14.05 12.12 5.34
O4' GSP C . 13.49 10.91 4.82
C3' GSP C . 13.83 13.20 4.29
O3' GSP C . 15.00 13.25 3.50
C2' GSP C . 12.65 12.67 3.50
O2' GSP C . 12.64 13.07 2.16
C1' GSP C . 12.86 11.17 3.58
N9 GSP C . 11.55 10.48 3.48
C8 GSP C . 10.43 10.78 4.20
N7 GSP C . 9.44 9.93 3.83
C5 GSP C . 9.94 9.08 2.88
C6 GSP C . 9.35 8.02 2.19
O6 GSP C . 8.17 7.69 2.37
N1 GSP C . 10.12 7.34 1.28
C2 GSP C . 11.44 7.69 1.04
N2 GSP C . 12.14 7.01 0.15
N3 GSP C . 12.01 8.75 1.74
C4 GSP C . 11.27 9.42 2.65
MG MG D . 10.08 16.44 11.08
PG GSP E . 7.44 -10.46 -19.36
O3B GSP E . 7.86 -9.50 -18.10
S1G GSP E . 8.49 -9.93 -20.70
O2G GSP E . 7.78 -11.87 -18.98
O3G GSP E . 5.95 -10.32 -19.75
PB GSP E . 7.08 -9.43 -16.68
O1B GSP E . 5.85 -8.62 -16.84
O2B GSP E . 6.82 -10.76 -16.16
PA GSP E . 8.95 -9.31 -14.47
O1A GSP E . 8.04 -9.75 -13.34
O2A GSP E . 9.79 -10.45 -14.93
O3A GSP E . 8.09 -8.66 -15.68
O5' GSP E . 9.78 -8.05 -13.98
C5' GSP E . 10.58 -7.33 -14.90
C4' GSP E . 11.66 -6.56 -14.15
O4' GSP E . 11.08 -5.62 -13.25
C3' GSP E . 12.55 -7.48 -13.33
O3' GSP E . 13.85 -6.94 -13.35
C2' GSP E . 11.93 -7.36 -11.94
O2' GSP E . 12.80 -7.67 -10.87
C1' GSP E . 11.44 -5.92 -11.92
N9 GSP E . 10.28 -5.81 -11.02
C8 GSP E . 9.21 -6.65 -10.95
N7 GSP E . 8.36 -6.20 -9.99
C5 GSP E . 8.87 -5.08 -9.42
C6 GSP E . 8.43 -4.23 -8.41
O6 GSP E . 7.37 -4.38 -7.78
N1 GSP E . 9.22 -3.16 -8.06
C2 GSP E . 10.42 -2.92 -8.72
N2 GSP E . 11.17 -1.88 -8.38
N3 GSP E . 10.85 -3.77 -9.72
C4 GSP E . 10.10 -4.83 -10.06
MG MG F . 7.16 -12.72 -17.03
#